data_4WMA
#
_entry.id   4WMA
#
_cell.length_a   90.028
_cell.length_b   90.028
_cell.length_c   43.136
_cell.angle_alpha   90.00
_cell.angle_beta   90.00
_cell.angle_gamma   120.00
#
_symmetry.space_group_name_H-M   'P 3'
#
loop_
_entity.id
_entity.type
_entity.pdbx_description
1 polymer 'Xyloside xylosyltransferase 1'
2 polymer 'Coagulation factor IX'
3 branched alpha-D-xylopyranose-(1-3)-beta-D-glucopyranose
4 non-polymer 'MANGANESE (II) ION'
5 non-polymer "URIDINE-5'-DIPHOSPHATE-GLUCOSE"
6 non-polymer 'SULFATE ION'
7 water water
#
loop_
_entity_poly.entity_id
_entity_poly.type
_entity_poly.pdbx_seq_one_letter_code
_entity_poly.pdbx_strand_id
1 'polypeptide(L)'
;SLEGGVVVPVDYHLLMMFTKAEHNAPLQAKARVALSSLLRLAKFEAHEVLNLHFVSEEASREVAKALLRELLPPAAGFKC
KVIFHDVAVLTDKLFPVVEAMQKYFSAGSGTYYSDSIFFLSVAMHQIMPKEIPRIIQLDLDLKYKTNIRELFEEFDNFLP
GAVIGIAREMQPVYRHTFWQFRHENPKTRVGDPPPEGLPGFNSGVMLLNLEAMRQSPLYSHLLEPSWVQQLADKYHFRGH
LGDQDFFTMIGMEHPELFHVLDCTWNRQLCTWWRDHGYSDVFQAYFRCEGHVKIYHGNCNTPIPED
;
A
2 'polypeptide(L)' MDIVDGDQCESNPCLNGGSCKDDINSYECWCPFGFEGKNCELLEHHHHHH D
#
# COMPACT_ATOMS: atom_id res chain seq x y z
N VAL A 7 -1.24 -28.41 22.77
CA VAL A 7 -1.67 -27.58 21.64
C VAL A 7 -0.60 -26.58 21.32
N VAL A 8 0.09 -26.76 20.23
CA VAL A 8 1.11 -25.82 19.85
C VAL A 8 0.45 -24.56 19.33
N PRO A 9 0.87 -23.46 19.89
CA PRO A 9 0.32 -22.14 19.59
C PRO A 9 0.59 -21.70 18.15
N VAL A 10 -0.45 -21.24 17.46
CA VAL A 10 -0.33 -20.76 16.07
C VAL A 10 -0.45 -19.24 16.06
N ASP A 11 0.58 -18.57 15.55
CA ASP A 11 0.64 -17.11 15.53
C ASP A 11 0.12 -16.53 14.22
N TYR A 12 -0.69 -15.48 14.32
CA TYR A 12 -1.09 -14.64 13.19
C TYR A 12 -0.51 -13.23 13.36
N HIS A 13 0.07 -12.69 12.29
CA HIS A 13 0.74 -11.36 12.37
C HIS A 13 0.17 -10.32 11.45
N LEU A 14 -0.18 -9.18 12.02
CA LEU A 14 -0.58 -7.96 11.30
C LEU A 14 0.43 -6.87 11.60
N LEU A 15 0.63 -5.95 10.66
CA LEU A 15 1.52 -4.80 10.91
C LEU A 15 0.88 -3.53 10.39
N MET A 16 0.94 -2.48 11.22
CA MET A 16 0.39 -1.18 10.87
C MET A 16 1.41 -0.08 11.16
N MET A 17 1.52 0.86 10.23
CA MET A 17 2.30 2.08 10.44
CA MET A 17 2.33 2.06 10.46
C MET A 17 1.50 3.05 11.28
N PHE A 18 2.10 3.58 12.35
CA PHE A 18 1.38 4.56 13.19
C PHE A 18 2.41 5.56 13.69
N THR A 19 2.65 6.57 12.86
CA THR A 19 3.68 7.57 13.13
C THR A 19 3.11 8.97 13.16
N LYS A 20 3.77 9.85 13.90
CA LYS A 20 3.36 11.28 13.97
C LYS A 20 1.92 11.44 14.44
N ALA A 21 1.49 10.57 15.35
CA ALA A 21 0.10 10.54 15.79
C ALA A 21 -0.23 11.57 16.88
N GLU A 22 0.78 12.02 17.63
CA GLU A 22 0.51 12.97 18.73
C GLU A 22 -0.01 14.29 18.14
N HIS A 23 -1.07 14.84 18.71
CA HIS A 23 -1.68 16.07 18.17
C HIS A 23 -2.10 15.92 16.71
N ASN A 24 -2.47 14.69 16.33
CA ASN A 24 -3.01 14.42 15.01
C ASN A 24 -4.35 13.70 15.19
N ALA A 25 -5.38 14.51 15.48
CA ALA A 25 -6.69 13.95 15.78
C ALA A 25 -7.31 13.14 14.64
N PRO A 26 -7.18 13.62 13.38
CA PRO A 26 -7.76 12.81 12.31
C PRO A 26 -7.14 11.41 12.26
N LEU A 27 -5.81 11.32 12.35
CA LEU A 27 -5.15 10.00 12.36
C LEU A 27 -5.58 9.11 13.53
N GLN A 28 -5.65 9.68 14.73
CA GLN A 28 -6.11 8.92 15.89
C GLN A 28 -7.54 8.41 15.71
N ALA A 29 -8.41 9.24 15.13
CA ALA A 29 -9.79 8.83 14.90
C ALA A 29 -9.89 7.70 13.89
N LYS A 30 -9.08 7.77 12.84
CA LYS A 30 -9.02 6.69 11.85
C LYS A 30 -8.54 5.40 12.51
N ALA A 31 -7.48 5.51 13.31
CA ALA A 31 -6.92 4.32 13.95
C ALA A 31 -7.95 3.70 14.89
N ARG A 32 -8.76 4.54 15.51
CA ARG A 32 -9.78 4.07 16.43
C ARG A 32 -10.85 3.28 15.71
N VAL A 33 -11.30 3.80 14.57
CA VAL A 33 -12.27 3.08 13.75
C VAL A 33 -11.71 1.74 13.24
N ALA A 34 -10.46 1.75 12.77
CA ALA A 34 -9.83 0.54 12.24
C ALA A 34 -9.70 -0.53 13.31
N LEU A 35 -9.07 -0.19 14.43
CA LEU A 35 -8.75 -1.17 15.46
C LEU A 35 -9.99 -1.66 16.21
N SER A 36 -10.95 -0.78 16.47
CA SER A 36 -12.17 -1.23 17.13
C SER A 36 -12.98 -2.22 16.27
N SER A 37 -13.10 -1.96 14.97
CA SER A 37 -13.79 -2.87 14.05
C SER A 37 -13.06 -4.20 13.88
N LEU A 38 -11.73 -4.10 13.74
CA LEU A 38 -10.88 -5.28 13.66
C LEU A 38 -11.11 -6.20 14.86
N LEU A 39 -11.02 -5.63 16.05
CA LEU A 39 -11.04 -6.40 17.27
C LEU A 39 -12.44 -6.89 17.62
N ARG A 40 -13.46 -6.09 17.31
CA ARG A 40 -14.85 -6.49 17.52
C ARG A 40 -15.23 -7.72 16.70
N LEU A 41 -14.80 -7.75 15.44
CA LEU A 41 -15.18 -8.82 14.53
C LEU A 41 -14.20 -9.99 14.41
N ALA A 42 -13.02 -9.89 15.03
CA ALA A 42 -12.05 -10.97 14.98
C ALA A 42 -12.49 -12.17 15.82
N LYS A 43 -12.27 -13.36 15.29
CA LYS A 43 -12.48 -14.60 16.03
C LYS A 43 -11.32 -15.54 15.74
N PHE A 44 -10.68 -16.03 16.80
CA PHE A 44 -9.58 -16.97 16.68
C PHE A 44 -9.75 -18.15 17.65
N GLU A 45 -9.28 -19.33 17.25
CA GLU A 45 -9.34 -20.52 18.11
C GLU A 45 -8.44 -20.36 19.35
N ALA A 46 -8.67 -21.20 20.36
CA ALA A 46 -8.05 -21.02 21.68
C ALA A 46 -6.52 -21.02 21.69
N HIS A 47 -5.92 -21.83 20.82
CA HIS A 47 -4.48 -21.96 20.75
C HIS A 47 -3.84 -20.89 19.88
N GLU A 48 -4.68 -20.08 19.23
CA GLU A 48 -4.22 -19.04 18.28
C GLU A 48 -3.96 -17.71 18.96
N VAL A 49 -3.00 -16.96 18.45
CA VAL A 49 -2.69 -15.65 19.02
C VAL A 49 -2.54 -14.63 17.88
N LEU A 50 -3.17 -13.48 18.07
CA LEU A 50 -3.12 -12.41 17.09
C LEU A 50 -2.03 -11.44 17.52
N ASN A 51 -1.01 -11.27 16.68
CA ASN A 51 0.11 -10.38 17.01
C ASN A 51 -0.05 -9.10 16.22
N LEU A 52 -0.20 -7.99 16.94
CA LEU A 52 -0.38 -6.67 16.35
C LEU A 52 0.92 -5.90 16.45
N HIS A 53 1.57 -5.74 15.31
CA HIS A 53 2.85 -4.98 15.19
C HIS A 53 2.54 -3.56 14.78
N PHE A 54 3.09 -2.60 15.52
CA PHE A 54 2.96 -1.18 15.15
C PHE A 54 4.34 -0.58 14.93
N VAL A 55 4.49 0.19 13.84
CA VAL A 55 5.74 0.89 13.55
C VAL A 55 5.51 2.34 13.92
N SER A 56 6.24 2.80 14.95
CA SER A 56 5.93 4.07 15.61
C SER A 56 7.18 4.67 16.21
N GLU A 57 7.29 6.01 16.20
CA GLU A 57 8.29 6.68 17.06
C GLU A 57 7.74 6.71 18.48
N GLU A 58 8.55 7.12 19.46
CA GLU A 58 8.11 6.96 20.85
C GLU A 58 6.77 7.66 21.22
N ALA A 59 6.53 8.85 20.69
CA ALA A 59 5.28 9.55 21.03
C ALA A 59 4.04 8.79 20.53
N SER A 60 4.05 8.32 19.28
CA SER A 60 2.90 7.55 18.77
C SER A 60 2.75 6.19 19.44
N ARG A 61 3.86 5.60 19.88
CA ARG A 61 3.78 4.38 20.69
C ARG A 61 2.90 4.60 21.93
N GLU A 62 3.12 5.72 22.62
CA GLU A 62 2.33 6.05 23.82
C GLU A 62 0.85 6.26 23.47
N VAL A 63 0.59 6.93 22.35
CA VAL A 63 -0.78 7.13 21.88
C VAL A 63 -1.42 5.80 21.54
N ALA A 64 -0.69 4.93 20.85
CA ALA A 64 -1.25 3.63 20.48
C ALA A 64 -1.58 2.78 21.72
N LYS A 65 -0.74 2.84 22.74
CA LYS A 65 -0.94 2.06 23.97
C LYS A 65 -2.23 2.51 24.65
N ALA A 66 -2.43 3.83 24.72
CA ALA A 66 -3.63 4.41 25.33
C ALA A 66 -4.91 3.97 24.59
N LEU A 67 -4.87 3.97 23.27
CA LEU A 67 -5.99 3.49 22.49
C LEU A 67 -6.24 1.97 22.66
N LEU A 68 -5.17 1.18 22.63
CA LEU A 68 -5.30 -0.26 22.70
C LEU A 68 -5.83 -0.76 24.05
N ARG A 69 -5.43 -0.12 25.14
CA ARG A 69 -5.93 -0.55 26.46
C ARG A 69 -7.45 -0.36 26.57
N GLU A 70 -7.97 0.60 25.83
CA GLU A 70 -9.41 0.82 25.72
C GLU A 70 -10.13 -0.25 24.89
N LEU A 71 -9.39 -1.00 24.07
CA LEU A 71 -9.98 -2.01 23.15
C LEU A 71 -9.59 -3.44 23.48
N LEU A 72 -8.62 -3.59 24.38
CA LEU A 72 -8.15 -4.89 24.81
C LEU A 72 -8.49 -5.11 26.28
N PRO A 73 -8.86 -6.36 26.66
CA PRO A 73 -8.90 -7.56 25.82
C PRO A 73 -10.06 -7.53 24.83
N PRO A 74 -9.97 -8.29 23.72
CA PRO A 74 -11.05 -8.26 22.73
C PRO A 74 -12.29 -9.00 23.24
N ALA A 75 -13.47 -8.53 22.84
CA ALA A 75 -14.75 -9.10 23.24
C ALA A 75 -14.81 -10.62 23.06
N ALA A 76 -14.23 -11.11 21.97
CA ALA A 76 -14.22 -12.54 21.65
C ALA A 76 -13.30 -13.37 22.57
N GLY A 77 -12.45 -12.70 23.33
CA GLY A 77 -11.64 -13.36 24.36
C GLY A 77 -10.41 -14.16 23.95
N PHE A 78 -10.01 -14.05 22.68
CA PHE A 78 -8.79 -14.71 22.17
C PHE A 78 -7.51 -13.99 22.62
N LYS A 79 -6.37 -14.67 22.49
CA LYS A 79 -5.08 -14.10 22.89
C LYS A 79 -4.59 -13.06 21.88
N CYS A 80 -4.13 -11.91 22.38
CA CYS A 80 -3.62 -10.83 21.53
C CYS A 80 -2.33 -10.26 22.11
N LYS A 81 -1.26 -10.21 21.30
CA LYS A 81 0.00 -9.62 21.72
C LYS A 81 0.28 -8.35 20.89
N VAL A 82 0.71 -7.29 21.57
CA VAL A 82 1.06 -6.03 20.93
C VAL A 82 2.59 -5.86 20.89
N ILE A 83 3.12 -5.53 19.71
CA ILE A 83 4.56 -5.34 19.51
C ILE A 83 4.83 -3.98 18.85
N PHE A 84 5.76 -3.19 19.40
CA PHE A 84 6.17 -1.95 18.77
C PHE A 84 7.55 -2.07 18.16
N HIS A 85 7.71 -1.45 16.99
CA HIS A 85 8.97 -1.38 16.27
C HIS A 85 9.29 0.08 16.07
N ASP A 86 10.53 0.45 16.37
CA ASP A 86 11.01 1.83 16.22
C ASP A 86 11.22 2.21 14.78
N VAL A 87 10.44 3.19 14.31
CA VAL A 87 10.60 3.71 12.96
C VAL A 87 12.07 4.09 12.63
N ALA A 88 12.83 4.56 13.61
CA ALA A 88 14.20 4.98 13.34
C ALA A 88 15.10 3.76 13.13
N VAL A 89 14.84 2.69 13.89
CA VAL A 89 15.61 1.43 13.74
C VAL A 89 15.32 0.81 12.38
N LEU A 90 14.03 0.77 12.04
CA LEU A 90 13.61 0.17 10.79
C LEU A 90 14.12 0.98 9.58
N THR A 91 14.11 2.30 9.71
CA THR A 91 14.61 3.16 8.65
C THR A 91 16.08 2.80 8.32
N ASP A 92 16.91 2.61 9.35
CA ASP A 92 18.33 2.28 9.12
C ASP A 92 18.52 0.90 8.53
N LYS A 93 17.68 -0.05 8.96
CA LYS A 93 17.76 -1.40 8.38
C LYS A 93 17.30 -1.40 6.92
N LEU A 94 16.30 -0.58 6.63
CA LEU A 94 15.73 -0.50 5.29
C LEU A 94 16.63 0.17 4.28
N PHE A 95 17.31 1.23 4.71
CA PHE A 95 17.97 2.12 3.76
C PHE A 95 18.89 1.43 2.71
N PRO A 96 19.80 0.54 3.13
CA PRO A 96 20.66 -0.10 2.11
C PRO A 96 19.88 -0.76 0.97
N VAL A 97 18.81 -1.45 1.35
CA VAL A 97 18.00 -2.21 0.41
C VAL A 97 17.15 -1.29 -0.46
N VAL A 98 16.63 -0.22 0.13
CA VAL A 98 15.58 0.60 -0.45
C VAL A 98 16.05 1.93 -1.09
N GLU A 99 17.29 2.34 -0.79
CA GLU A 99 17.87 3.60 -1.28
C GLU A 99 17.66 3.83 -2.78
N ALA A 100 18.00 2.82 -3.59
CA ALA A 100 17.95 2.97 -5.06
C ALA A 100 16.57 3.25 -5.62
N MET A 101 15.53 2.73 -4.97
CA MET A 101 14.20 2.97 -5.49
C MET A 101 13.60 4.32 -5.04
N GLN A 102 14.14 4.90 -3.97
CA GLN A 102 13.55 6.14 -3.46
C GLN A 102 13.56 7.28 -4.44
N LYS A 103 14.56 7.34 -5.29
CA LYS A 103 14.59 8.44 -6.28
C LYS A 103 13.39 8.40 -7.23
N TYR A 104 12.87 7.19 -7.48
CA TYR A 104 11.76 7.01 -8.42
C TYR A 104 10.37 7.15 -7.81
N PHE A 105 10.23 6.79 -6.54
CA PHE A 105 8.90 6.62 -5.94
C PHE A 105 8.61 7.46 -4.68
N SER A 106 9.47 8.40 -4.38
CA SER A 106 9.26 9.26 -3.21
C SER A 106 8.91 10.66 -3.66
N ALA A 107 8.14 11.36 -2.83
CA ALA A 107 7.95 12.80 -2.98
C ALA A 107 9.18 13.53 -2.44
N GLY A 108 9.99 14.15 -3.25
CA GLY A 108 9.83 14.25 -4.67
C GLY A 108 11.26 13.91 -5.10
N SER A 109 12.22 14.69 -4.64
CA SER A 109 13.59 14.54 -5.07
C SER A 109 14.59 14.93 -3.99
N GLY A 110 15.60 14.17 -3.62
CA GLY A 110 16.02 12.84 -4.03
C GLY A 110 15.92 11.62 -3.15
N THR A 111 16.88 11.43 -2.25
CA THR A 111 16.92 10.20 -1.44
C THR A 111 17.08 10.61 0.02
N TYR A 112 15.97 10.64 0.73
CA TYR A 112 15.90 11.14 2.12
C TYR A 112 15.51 10.05 3.09
N TYR A 113 16.19 9.98 4.23
CA TYR A 113 15.79 8.98 5.23
C TYR A 113 14.30 9.02 5.58
N SER A 114 13.72 10.22 5.64
CA SER A 114 12.31 10.39 6.00
C SER A 114 11.35 9.64 5.07
N ASP A 115 11.80 9.30 3.85
CA ASP A 115 10.99 8.52 2.90
C ASP A 115 11.17 7.02 2.99
N SER A 116 12.21 6.57 3.69
CA SER A 116 12.60 5.16 3.60
C SER A 116 11.51 4.24 4.13
N ILE A 117 10.79 4.68 5.15
CA ILE A 117 9.82 3.82 5.82
C ILE A 117 8.61 3.51 4.93
N PHE A 118 8.36 4.36 3.93
CA PHE A 118 7.28 4.08 2.98
C PHE A 118 7.54 2.88 2.08
N PHE A 119 8.76 2.32 2.17
CA PHE A 119 9.12 1.13 1.40
C PHE A 119 9.31 -0.10 2.28
N LEU A 120 8.83 -0.03 3.51
CA LEU A 120 9.01 -1.13 4.47
C LEU A 120 8.55 -2.44 3.88
N SER A 121 7.40 -2.45 3.23
CA SER A 121 6.81 -3.71 2.79
C SER A 121 7.72 -4.41 1.79
N VAL A 122 8.40 -3.63 0.96
CA VAL A 122 9.24 -4.21 -0.14
C VAL A 122 10.36 -5.06 0.49
N ALA A 123 10.80 -4.68 1.67
CA ALA A 123 11.93 -5.40 2.31
C ALA A 123 11.56 -6.03 3.64
N MET A 124 10.26 -6.31 3.83
CA MET A 124 9.74 -6.74 5.11
C MET A 124 10.37 -8.09 5.52
N HIS A 125 10.70 -8.88 4.50
CA HIS A 125 11.27 -10.21 4.69
C HIS A 125 12.68 -10.12 5.24
N GLN A 126 13.32 -8.97 5.05
CA GLN A 126 14.67 -8.75 5.59
C GLN A 126 14.64 -8.05 6.96
N ILE A 127 13.50 -7.44 7.28
CA ILE A 127 13.33 -6.68 8.52
C ILE A 127 12.76 -7.52 9.67
N MET A 128 11.67 -8.25 9.42
CA MET A 128 11.04 -9.07 10.45
C MET A 128 11.87 -10.32 10.79
N PRO A 129 11.83 -10.76 12.06
CA PRO A 129 12.55 -11.96 12.48
C PRO A 129 12.23 -13.16 11.57
N LYS A 130 13.21 -14.05 11.41
CA LYS A 130 13.02 -15.26 10.62
C LYS A 130 11.86 -16.15 11.05
N GLU A 131 11.50 -16.11 12.33
CA GLU A 131 10.41 -16.94 12.87
C GLU A 131 9.06 -16.54 12.27
N ILE A 132 9.00 -15.35 11.68
CA ILE A 132 7.75 -14.87 11.09
C ILE A 132 7.68 -15.19 9.59
N PRO A 133 6.82 -16.16 9.21
CA PRO A 133 6.81 -16.55 7.81
C PRO A 133 5.92 -15.70 6.92
N ARG A 134 4.93 -15.03 7.52
CA ARG A 134 3.91 -14.28 6.79
C ARG A 134 3.41 -13.17 7.71
N ILE A 135 3.03 -12.06 7.11
CA ILE A 135 2.45 -10.94 7.84
C ILE A 135 1.54 -10.16 6.88
N ILE A 136 0.47 -9.56 7.42
CA ILE A 136 -0.44 -8.76 6.60
C ILE A 136 -0.24 -7.34 7.04
N GLN A 137 0.21 -6.49 6.11
CA GLN A 137 0.37 -5.06 6.44
C GLN A 137 -0.91 -4.31 6.10
N LEU A 138 -1.36 -3.48 7.04
CA LEU A 138 -2.67 -2.84 6.91
C LEU A 138 -2.58 -1.34 7.17
N ASP A 139 -3.25 -0.55 6.33
CA ASP A 139 -3.44 0.87 6.64
C ASP A 139 -4.32 1.05 7.90
N LEU A 140 -4.33 2.26 8.47
CA LEU A 140 -5.18 2.53 9.63
C LEU A 140 -6.45 3.36 9.30
N ASP A 141 -6.63 3.64 8.02
CA ASP A 141 -7.86 4.32 7.53
C ASP A 141 -8.80 3.29 6.89
N LEU A 142 -8.90 2.12 7.53
CA LEU A 142 -9.75 1.01 7.12
C LEU A 142 -10.92 0.83 8.10
N LYS A 143 -11.95 0.12 7.63
CA LYS A 143 -13.00 -0.38 8.51
C LYS A 143 -13.26 -1.82 8.14
N TYR A 144 -13.14 -2.72 9.12
CA TYR A 144 -13.27 -4.15 8.85
C TYR A 144 -14.74 -4.53 8.97
N LYS A 145 -15.23 -5.29 8.01
CA LYS A 145 -16.63 -5.78 8.01
C LYS A 145 -16.72 -7.30 8.19
N THR A 146 -15.59 -7.96 8.42
CA THR A 146 -15.55 -9.41 8.65
C THR A 146 -14.40 -9.80 9.59
N ASN A 147 -14.31 -11.09 9.90
CA ASN A 147 -13.23 -11.63 10.73
C ASN A 147 -11.93 -11.67 9.94
N ILE A 148 -10.95 -10.89 10.40
CA ILE A 148 -9.62 -10.82 9.78
C ILE A 148 -8.93 -12.18 9.62
N ARG A 149 -9.27 -13.15 10.48
CA ARG A 149 -8.79 -14.52 10.31
C ARG A 149 -9.05 -15.04 8.89
N GLU A 150 -10.17 -14.66 8.30
CA GLU A 150 -10.53 -15.12 6.94
C GLU A 150 -9.55 -14.66 5.87
N LEU A 151 -8.96 -13.48 6.03
CA LEU A 151 -7.99 -12.99 5.04
C LEU A 151 -6.76 -13.90 4.91
N PHE A 152 -6.36 -14.55 6.00
CA PHE A 152 -5.20 -15.44 5.99
C PHE A 152 -5.37 -16.65 5.07
N GLU A 153 -6.60 -17.08 4.81
CA GLU A 153 -6.78 -18.17 3.85
C GLU A 153 -6.39 -17.78 2.42
N GLU A 154 -6.34 -16.47 2.12
CA GLU A 154 -5.84 -16.04 0.81
C GLU A 154 -4.37 -16.43 0.52
N PHE A 155 -3.57 -16.62 1.56
CA PHE A 155 -2.19 -17.13 1.37
C PHE A 155 -2.21 -18.50 0.66
N ASP A 156 -3.23 -19.31 0.94
CA ASP A 156 -3.39 -20.65 0.35
C ASP A 156 -3.60 -20.63 -1.17
N ASN A 157 -4.06 -19.51 -1.69
CA ASN A 157 -4.38 -19.35 -3.10
C ASN A 157 -3.24 -18.76 -3.95
N PHE A 158 -2.06 -18.56 -3.33
CA PHE A 158 -0.85 -18.13 -4.05
C PHE A 158 -0.38 -19.23 -5.03
N LEU A 159 -0.28 -18.89 -6.31
CA LEU A 159 0.28 -19.80 -7.31
C LEU A 159 1.81 -19.87 -7.15
N PRO A 160 2.44 -20.96 -7.61
CA PRO A 160 3.90 -21.06 -7.50
C PRO A 160 4.59 -19.80 -8.03
N GLY A 161 5.49 -19.25 -7.24
CA GLY A 161 6.24 -18.07 -7.65
C GLY A 161 5.67 -16.74 -7.19
N ALA A 162 4.40 -16.70 -6.81
CA ALA A 162 3.81 -15.50 -6.20
C ALA A 162 4.32 -15.32 -4.78
N VAL A 163 4.63 -14.07 -4.44
CA VAL A 163 5.20 -13.72 -3.15
C VAL A 163 4.35 -12.77 -2.30
N ILE A 164 3.45 -12.01 -2.96
CA ILE A 164 2.67 -10.95 -2.31
C ILE A 164 1.21 -10.98 -2.77
N GLY A 165 0.28 -10.84 -1.82
CA GLY A 165 -1.16 -10.72 -2.15
C GLY A 165 -1.55 -9.25 -2.06
N ILE A 166 -2.22 -8.73 -3.08
CA ILE A 166 -2.50 -7.29 -3.11
C ILE A 166 -3.71 -7.01 -4.01
N ALA A 167 -4.48 -5.99 -3.66
CA ALA A 167 -5.67 -5.60 -4.46
C ALA A 167 -5.29 -4.57 -5.50
N ARG A 168 -6.05 -4.52 -6.59
CA ARG A 168 -5.79 -3.56 -7.62
C ARG A 168 -6.18 -2.16 -7.16
N GLU A 169 -5.54 -1.16 -7.75
CA GLU A 169 -5.86 0.23 -7.51
C GLU A 169 -7.20 0.53 -8.23
N MET A 170 -8.08 1.25 -7.54
CA MET A 170 -9.48 1.48 -7.99
C MET A 170 -9.71 2.89 -8.54
N GLN A 171 -8.62 3.61 -8.77
CA GLN A 171 -8.65 4.86 -9.52
C GLN A 171 -7.66 4.80 -10.68
N PRO A 172 -7.85 5.64 -11.70
CA PRO A 172 -6.93 5.66 -12.84
C PRO A 172 -5.59 6.39 -12.61
N VAL A 173 -5.07 6.35 -11.38
CA VAL A 173 -3.81 7.03 -11.09
C VAL A 173 -2.64 6.50 -11.95
N TYR A 174 -2.62 5.21 -12.22
CA TYR A 174 -1.55 4.60 -13.03
C TYR A 174 -1.75 4.73 -14.56
N ARG A 175 -3.00 4.87 -14.97
CA ARG A 175 -3.30 5.31 -16.34
C ARG A 175 -2.58 6.63 -16.58
N HIS A 176 -2.70 7.54 -15.61
CA HIS A 176 -2.06 8.84 -15.64
C HIS A 176 -0.54 8.77 -15.57
N THR A 177 -0.02 8.04 -14.58
CA THR A 177 1.43 7.89 -14.36
C THR A 177 2.21 7.23 -15.49
N PHE A 178 1.56 6.31 -16.19
CA PHE A 178 2.22 5.55 -17.26
C PHE A 178 1.94 6.18 -18.63
N TRP A 179 1.52 7.44 -18.63
CA TRP A 179 1.12 8.12 -19.87
C TRP A 179 2.12 7.97 -20.99
N GLN A 180 3.40 8.25 -20.70
CA GLN A 180 4.43 8.22 -21.75
C GLN A 180 4.58 6.81 -22.32
N PHE A 181 4.69 5.82 -21.45
CA PHE A 181 4.76 4.43 -21.88
C PHE A 181 3.51 4.02 -22.68
N ARG A 182 2.35 4.48 -22.23
CA ARG A 182 1.09 4.21 -22.95
C ARG A 182 1.08 4.87 -24.34
N HIS A 183 1.71 6.05 -24.43
CA HIS A 183 1.82 6.79 -25.68
C HIS A 183 2.70 6.07 -26.68
N GLU A 184 3.80 5.50 -26.20
CA GLU A 184 4.77 4.80 -27.03
C GLU A 184 4.33 3.37 -27.34
N ASN A 185 3.39 2.85 -26.54
CA ASN A 185 2.83 1.51 -26.73
C ASN A 185 1.30 1.55 -26.73
N PRO A 186 0.68 2.03 -27.83
CA PRO A 186 -0.76 2.23 -27.91
C PRO A 186 -1.60 1.02 -27.43
N LYS A 187 -1.12 -0.18 -27.72
CA LYS A 187 -1.87 -1.41 -27.50
C LYS A 187 -1.77 -1.96 -26.07
N THR A 188 -0.95 -1.33 -25.24
CA THR A 188 -0.60 -1.88 -23.91
C THR A 188 -1.78 -2.05 -22.95
N ARG A 189 -1.67 -3.06 -22.08
CA ARG A 189 -2.60 -3.27 -20.99
C ARG A 189 -2.17 -2.47 -19.75
N VAL A 190 -0.95 -1.96 -19.77
CA VAL A 190 -0.40 -1.19 -18.64
C VAL A 190 -1.21 0.09 -18.32
N GLY A 191 -1.80 0.13 -17.13
CA GLY A 191 -2.62 1.28 -16.72
C GLY A 191 -4.08 1.24 -17.11
N ASP A 192 -4.47 0.23 -17.88
CA ASP A 192 -5.86 0.03 -18.28
C ASP A 192 -6.68 -0.54 -17.13
N PRO A 193 -8.02 -0.40 -17.18
CA PRO A 193 -8.86 -0.94 -16.11
C PRO A 193 -9.03 -2.46 -16.21
N PRO A 194 -9.50 -3.11 -15.13
CA PRO A 194 -9.91 -4.50 -15.21
C PRO A 194 -11.15 -4.60 -16.10
N PRO A 195 -11.50 -5.82 -16.57
CA PRO A 195 -10.89 -7.11 -16.24
C PRO A 195 -9.62 -7.50 -16.98
N GLU A 196 -9.33 -6.86 -18.11
CA GLU A 196 -8.16 -7.24 -18.91
C GLU A 196 -6.98 -6.27 -18.88
N GLY A 197 -7.16 -5.08 -18.29
CA GLY A 197 -6.02 -4.17 -18.11
C GLY A 197 -5.31 -4.42 -16.78
N LEU A 198 -4.13 -3.82 -16.64
CA LEU A 198 -3.37 -3.81 -15.39
C LEU A 198 -3.41 -2.40 -14.78
N PRO A 199 -4.37 -2.14 -13.86
CA PRO A 199 -4.57 -0.79 -13.36
C PRO A 199 -3.54 -0.40 -12.28
N GLY A 200 -2.70 -1.36 -11.91
CA GLY A 200 -1.78 -1.18 -10.77
C GLY A 200 -2.41 -1.62 -9.45
N PHE A 201 -1.66 -1.40 -8.37
CA PHE A 201 -2.02 -1.92 -7.05
C PHE A 201 -2.26 -0.80 -6.06
N ASN A 202 -3.03 -1.10 -5.02
CA ASN A 202 -3.17 -0.23 -3.86
C ASN A 202 -2.51 -0.88 -2.63
N SER A 203 -1.73 -0.10 -1.85
CA SER A 203 -0.98 -0.70 -0.70
C SER A 203 -1.72 -0.83 0.66
N GLY A 204 -3.01 -0.51 0.70
CA GLY A 204 -3.76 -0.51 1.96
C GLY A 204 -3.90 -1.84 2.67
N VAL A 205 -3.83 -2.95 1.90
CA VAL A 205 -3.94 -4.31 2.42
C VAL A 205 -2.96 -5.18 1.64
N MET A 206 -1.96 -5.74 2.33
CA MET A 206 -0.92 -6.49 1.63
C MET A 206 -0.58 -7.76 2.39
N LEU A 207 -0.70 -8.89 1.69
CA LEU A 207 -0.31 -10.16 2.25
C LEU A 207 1.13 -10.43 1.86
N LEU A 208 2.04 -10.24 2.82
CA LEU A 208 3.45 -10.37 2.58
C LEU A 208 3.88 -11.78 3.01
N ASN A 209 4.10 -12.64 2.03
CA ASN A 209 4.62 -13.97 2.35
C ASN A 209 6.13 -13.88 2.44
N LEU A 210 6.65 -13.71 3.66
CA LEU A 210 8.05 -13.37 3.88
C LEU A 210 8.95 -14.54 3.46
N GLU A 211 8.48 -15.76 3.72
CA GLU A 211 9.20 -16.94 3.26
C GLU A 211 9.30 -17.00 1.73
N ALA A 212 8.17 -16.81 1.05
CA ALA A 212 8.15 -16.76 -0.41
C ALA A 212 8.99 -15.61 -0.98
N MET A 213 8.96 -14.46 -0.32
CA MET A 213 9.79 -13.34 -0.76
C MET A 213 11.28 -13.68 -0.62
N ARG A 214 11.65 -14.24 0.54
CA ARG A 214 13.05 -14.66 0.80
C ARG A 214 13.48 -15.71 -0.21
N GLN A 215 12.57 -16.61 -0.56
CA GLN A 215 12.94 -17.78 -1.37
C GLN A 215 12.83 -17.60 -2.89
N SER A 216 12.44 -16.40 -3.32
CA SER A 216 12.30 -16.11 -4.74
C SER A 216 13.54 -15.46 -5.35
N PRO A 217 14.21 -16.17 -6.29
CA PRO A 217 15.31 -15.56 -7.01
C PRO A 217 14.90 -14.30 -7.78
N LEU A 218 13.72 -14.34 -8.40
CA LEU A 218 13.20 -13.22 -9.16
C LEU A 218 12.98 -11.97 -8.31
N TYR A 219 12.26 -12.14 -7.20
CA TYR A 219 11.96 -11.01 -6.31
C TYR A 219 13.27 -10.37 -5.83
N SER A 220 14.22 -11.21 -5.44
CA SER A 220 15.51 -10.72 -4.92
C SER A 220 16.25 -9.88 -5.96
N HIS A 221 16.17 -10.29 -7.23
CA HIS A 221 16.80 -9.55 -8.30
C HIS A 221 16.17 -8.19 -8.52
N LEU A 222 14.85 -8.15 -8.44
CA LEU A 222 14.10 -6.91 -8.66
C LEU A 222 14.39 -5.81 -7.63
N LEU A 223 14.90 -6.21 -6.47
CA LEU A 223 15.35 -5.28 -5.43
C LEU A 223 16.70 -4.63 -5.75
N GLU A 224 17.47 -5.21 -6.67
CA GLU A 224 18.80 -4.69 -6.99
C GLU A 224 18.73 -3.33 -7.72
N PRO A 225 19.61 -2.38 -7.33
CA PRO A 225 19.59 -1.05 -7.94
C PRO A 225 19.53 -1.03 -9.47
N SER A 226 20.30 -1.89 -10.15
CA SER A 226 20.28 -1.86 -11.62
C SER A 226 18.96 -2.34 -12.22
N TRP A 227 18.30 -3.29 -11.56
CA TRP A 227 16.96 -3.72 -11.97
C TRP A 227 15.89 -2.69 -11.74
N VAL A 228 15.92 -2.02 -10.59
CA VAL A 228 15.03 -0.88 -10.32
C VAL A 228 15.18 0.19 -11.40
N GLN A 229 16.43 0.56 -11.68
CA GLN A 229 16.73 1.58 -12.70
C GLN A 229 16.29 1.15 -14.10
N GLN A 230 16.58 -0.11 -14.47
CA GLN A 230 16.21 -0.61 -15.79
C GLN A 230 14.71 -0.53 -16.03
N LEU A 231 13.92 -0.98 -15.06
CA LEU A 231 12.46 -0.98 -15.17
C LEU A 231 11.85 0.40 -15.08
N ALA A 232 12.37 1.23 -14.17
CA ALA A 232 11.93 2.62 -14.11
C ALA A 232 12.19 3.35 -15.44
N ASP A 233 13.32 3.04 -16.09
CA ASP A 233 13.65 3.65 -17.39
C ASP A 233 12.75 3.12 -18.52
N LYS A 234 12.50 1.82 -18.49
CA LYS A 234 11.62 1.19 -19.48
C LYS A 234 10.23 1.79 -19.46
N TYR A 235 9.70 1.97 -18.25
CA TYR A 235 8.34 2.45 -18.08
C TYR A 235 8.19 3.97 -17.99
N HIS A 236 9.29 4.70 -18.07
CA HIS A 236 9.31 6.17 -17.87
C HIS A 236 8.50 6.51 -16.65
N PHE A 237 8.80 5.83 -15.55
CA PHE A 237 7.90 5.79 -14.41
C PHE A 237 8.46 6.50 -13.20
N ARG A 238 7.65 7.41 -12.67
CA ARG A 238 7.99 8.19 -11.46
C ARG A 238 6.76 8.19 -10.62
N GLY A 239 6.91 8.22 -9.30
CA GLY A 239 5.75 8.26 -8.45
C GLY A 239 6.13 8.89 -7.13
N HIS A 240 5.15 9.00 -6.23
CA HIS A 240 5.41 9.47 -4.87
C HIS A 240 4.66 8.70 -3.81
N LEU A 241 4.18 7.51 -4.16
CA LEU A 241 3.37 6.69 -3.25
C LEU A 241 4.13 5.49 -2.70
N GLY A 242 5.46 5.51 -2.84
CA GLY A 242 6.33 4.57 -2.13
C GLY A 242 6.22 3.13 -2.59
N ASP A 243 6.03 2.20 -1.64
CA ASP A 243 5.94 0.75 -1.93
C ASP A 243 4.87 0.47 -3.00
N GLN A 244 3.80 1.23 -2.95
CA GLN A 244 2.69 1.04 -3.91
C GLN A 244 3.17 1.17 -5.34
N ASP A 245 4.01 2.18 -5.60
CA ASP A 245 4.51 2.43 -6.95
C ASP A 245 5.48 1.34 -7.38
N PHE A 246 6.37 0.93 -6.47
CA PHE A 246 7.33 -0.13 -6.78
C PHE A 246 6.61 -1.43 -7.12
N PHE A 247 5.65 -1.84 -6.29
CA PHE A 247 4.94 -3.09 -6.57
C PHE A 247 4.15 -2.99 -7.88
N THR A 248 3.54 -1.83 -8.08
CA THR A 248 2.79 -1.54 -9.32
C THR A 248 3.70 -1.72 -10.52
N MET A 249 4.90 -1.13 -10.49
CA MET A 249 5.86 -1.23 -11.59
C MET A 249 6.37 -2.63 -11.85
N ILE A 250 6.84 -3.32 -10.81
CA ILE A 250 7.35 -4.69 -11.01
C ILE A 250 6.20 -5.63 -11.39
N GLY A 251 4.97 -5.28 -11.02
CA GLY A 251 3.77 -6.04 -11.38
C GLY A 251 3.41 -5.93 -12.85
N MET A 252 3.84 -4.86 -13.51
CA MET A 252 3.65 -4.71 -14.96
C MET A 252 4.56 -5.68 -15.71
N GLU A 253 5.76 -5.87 -15.16
CA GLU A 253 6.78 -6.69 -15.80
C GLU A 253 6.64 -8.16 -15.44
N HIS A 254 6.24 -8.40 -14.19
CA HIS A 254 6.18 -9.73 -13.62
C HIS A 254 4.92 -9.90 -12.81
N PRO A 255 3.75 -9.92 -13.48
CA PRO A 255 2.49 -10.13 -12.78
C PRO A 255 2.41 -11.44 -11.99
N GLU A 256 3.24 -12.44 -12.35
CA GLU A 256 3.28 -13.73 -11.65
C GLU A 256 3.66 -13.61 -10.17
N LEU A 257 4.31 -12.51 -9.80
CA LEU A 257 4.76 -12.32 -8.42
C LEU A 257 3.61 -12.01 -7.46
N PHE A 258 2.45 -11.66 -8.02
CA PHE A 258 1.35 -11.12 -7.22
C PHE A 258 0.07 -11.95 -7.31
N HIS A 259 -0.47 -12.26 -6.15
CA HIS A 259 -1.80 -12.83 -6.04
C HIS A 259 -2.75 -11.67 -5.88
N VAL A 260 -3.60 -11.44 -6.89
CA VAL A 260 -4.50 -10.32 -6.84
C VAL A 260 -5.72 -10.63 -5.98
N LEU A 261 -5.89 -9.86 -4.91
CA LEU A 261 -7.01 -9.99 -4.02
C LEU A 261 -8.24 -9.39 -4.68
N ASP A 262 -9.41 -9.92 -4.34
CA ASP A 262 -10.64 -9.33 -4.82
C ASP A 262 -10.82 -7.91 -4.28
N CYS A 263 -11.46 -7.04 -5.07
CA CYS A 263 -11.69 -5.67 -4.64
C CYS A 263 -12.40 -5.54 -3.28
N THR A 264 -13.15 -6.57 -2.88
CA THR A 264 -13.91 -6.50 -1.62
C THR A 264 -13.00 -6.54 -0.40
N TRP A 265 -11.76 -7.02 -0.59
CA TRP A 265 -10.75 -7.03 0.48
C TRP A 265 -10.01 -5.71 0.69
N ASN A 266 -10.29 -4.73 -0.16
CA ASN A 266 -9.70 -3.39 -0.06
C ASN A 266 -10.49 -2.42 -0.95
N ARG A 267 -11.75 -2.16 -0.56
CA ARG A 267 -12.66 -1.29 -1.31
C ARG A 267 -12.32 0.16 -1.04
N GLN A 268 -11.55 0.72 -1.96
CA GLN A 268 -11.02 2.08 -1.84
C GLN A 268 -12.09 3.13 -2.16
N LEU A 269 -12.20 4.14 -1.31
CA LEU A 269 -13.25 5.14 -1.45
C LEU A 269 -12.84 6.46 -2.11
N CYS A 270 -11.53 6.66 -2.28
CA CYS A 270 -11.00 7.91 -2.84
C CYS A 270 -11.46 8.11 -4.27
N THR A 271 -11.97 9.30 -4.56
CA THR A 271 -12.37 9.66 -5.93
C THR A 271 -11.61 10.86 -6.48
N TRP A 272 -10.45 11.14 -5.90
CA TRP A 272 -9.66 12.32 -6.28
C TRP A 272 -9.41 12.41 -7.77
N TRP A 273 -9.07 11.28 -8.39
CA TRP A 273 -8.70 11.24 -9.80
C TRP A 273 -9.85 11.43 -10.77
N ARG A 274 -11.07 11.17 -10.29
CA ARG A 274 -12.28 11.42 -11.10
C ARG A 274 -12.39 12.89 -11.50
N ASP A 275 -12.12 13.77 -10.53
CA ASP A 275 -12.22 15.21 -10.74
C ASP A 275 -10.94 15.85 -11.24
N HIS A 276 -9.97 15.03 -11.64
CA HIS A 276 -8.70 15.56 -12.14
C HIS A 276 -8.33 14.99 -13.48
N GLY A 277 -9.35 14.83 -14.32
CA GLY A 277 -9.14 14.53 -15.73
C GLY A 277 -9.64 13.19 -16.22
N TYR A 278 -10.29 12.41 -15.35
CA TYR A 278 -10.62 11.01 -15.69
C TYR A 278 -12.08 10.62 -15.48
N SER A 279 -12.96 11.61 -15.59
CA SER A 279 -14.41 11.42 -15.48
C SER A 279 -14.91 10.30 -16.39
N ASP A 280 -14.48 10.33 -17.66
CA ASP A 280 -14.90 9.34 -18.66
C ASP A 280 -14.70 7.90 -18.21
N VAL A 281 -13.47 7.57 -17.82
CA VAL A 281 -13.08 6.18 -17.56
C VAL A 281 -13.17 5.78 -16.09
N PHE A 282 -13.38 6.75 -15.21
CA PHE A 282 -13.29 6.52 -13.75
C PHE A 282 -14.09 5.31 -13.26
N GLN A 283 -15.30 5.14 -13.80
CA GLN A 283 -16.18 4.06 -13.39
C GLN A 283 -15.59 2.66 -13.61
N ALA A 284 -14.91 2.48 -14.73
CA ALA A 284 -14.32 1.19 -15.08
C ALA A 284 -13.24 0.76 -14.07
N TYR A 285 -12.59 1.73 -13.43
CA TYR A 285 -11.59 1.45 -12.39
C TYR A 285 -12.22 1.25 -11.00
N PHE A 286 -13.25 2.03 -10.70
CA PHE A 286 -13.81 2.16 -9.35
C PHE A 286 -14.85 1.09 -9.01
N ARG A 287 -15.45 0.49 -10.04
CA ARG A 287 -16.46 -0.56 -9.88
C ARG A 287 -16.01 -1.69 -8.97
N CYS A 288 -16.73 -1.88 -7.87
CA CYS A 288 -16.55 -3.06 -7.02
C CYS A 288 -17.90 -3.56 -6.52
N GLU A 289 -18.19 -4.84 -6.78
CA GLU A 289 -19.42 -5.45 -6.31
C GLU A 289 -19.18 -6.79 -5.62
N GLY A 290 -20.09 -7.14 -4.71
CA GLY A 290 -19.92 -8.30 -3.86
C GLY A 290 -19.97 -7.84 -2.42
N HIS A 291 -19.85 -8.78 -1.49
CA HIS A 291 -19.93 -8.45 -0.07
C HIS A 291 -18.62 -7.89 0.39
N VAL A 292 -18.64 -6.62 0.79
CA VAL A 292 -17.42 -5.89 1.17
C VAL A 292 -16.87 -6.41 2.50
N LYS A 293 -15.58 -6.73 2.51
CA LYS A 293 -14.90 -7.27 3.68
C LYS A 293 -14.10 -6.17 4.39
N ILE A 294 -13.48 -5.30 3.61
CA ILE A 294 -12.73 -4.16 4.17
C ILE A 294 -12.96 -2.91 3.34
N TYR A 295 -13.45 -1.86 3.98
CA TYR A 295 -13.50 -0.53 3.37
C TYR A 295 -12.20 0.22 3.62
N HIS A 296 -11.81 1.03 2.65
CA HIS A 296 -10.58 1.81 2.75
C HIS A 296 -10.86 3.25 2.39
N GLY A 297 -10.86 4.10 3.41
CA GLY A 297 -11.05 5.55 3.30
C GLY A 297 -9.84 6.37 2.87
N ASN A 298 -9.24 5.97 1.75
CA ASN A 298 -8.02 6.65 1.31
C ASN A 298 -8.27 8.08 0.83
N CYS A 299 -7.18 8.85 0.71
CA CYS A 299 -7.21 10.32 0.54
C CYS A 299 -8.21 11.04 1.47
N ASN A 300 -8.19 10.67 2.75
CA ASN A 300 -8.98 11.36 3.78
C ASN A 300 -10.49 11.33 3.52
N THR A 301 -10.94 10.29 2.85
CA THR A 301 -12.33 10.13 2.47
C THR A 301 -13.14 9.53 3.61
N PRO A 302 -14.15 10.28 4.10
CA PRO A 302 -14.98 9.70 5.15
C PRO A 302 -15.51 8.36 4.70
N ILE A 303 -15.58 7.40 5.63
CA ILE A 303 -16.13 6.07 5.38
C ILE A 303 -17.61 6.05 5.81
N PRO A 304 -18.50 5.46 4.98
CA PRO A 304 -19.93 5.39 5.33
C PRO A 304 -20.20 4.43 6.48
N GLU A 305 -21.42 4.43 7.01
CA GLU A 305 -21.76 3.56 8.13
C GLU A 305 -22.92 2.61 7.82
N GLN B 8 4.52 14.68 2.36
CA GLN B 8 3.91 14.29 1.05
C GLN B 8 3.82 15.48 0.09
N CYS B 9 3.52 15.19 -1.17
CA CYS B 9 3.31 16.22 -2.18
C CYS B 9 1.96 15.96 -2.83
N GLU B 10 1.39 16.98 -3.48
CA GLU B 10 0.18 16.80 -4.25
C GLU B 10 0.53 16.23 -5.64
N SER B 11 -0.23 15.24 -6.10
CA SER B 11 0.03 14.69 -7.43
C SER B 11 0.07 15.76 -8.51
N ASN B 12 1.02 15.57 -9.44
CA ASN B 12 1.19 16.45 -10.57
C ASN B 12 -0.01 16.21 -11.50
N PRO B 13 -0.82 17.26 -11.75
CA PRO B 13 -1.97 17.07 -12.63
C PRO B 13 -1.55 16.97 -14.10
N CYS B 14 -0.36 17.45 -14.42
CA CYS B 14 0.23 17.36 -15.77
C CYS B 14 0.64 15.93 -16.10
N LEU B 15 0.65 15.60 -17.39
CA LEU B 15 1.03 14.26 -17.85
C LEU B 15 2.54 14.08 -17.97
N ASN B 16 3.27 15.19 -18.07
CA ASN B 16 4.73 15.19 -18.17
C ASN B 16 5.40 15.64 -16.87
N GLY B 17 6.71 15.41 -16.77
CA GLY B 17 7.49 15.86 -15.62
C GLY B 17 7.31 14.95 -14.42
N GLY B 18 7.70 15.45 -13.25
CA GLY B 18 7.72 14.66 -12.02
C GLY B 18 6.35 14.28 -11.49
N SER B 19 6.33 13.42 -10.47
CA SER B 19 5.07 12.95 -9.91
C SER B 19 4.39 13.97 -8.99
N CYS B 20 5.16 14.98 -8.56
CA CYS B 20 4.65 16.03 -7.68
C CYS B 20 4.39 17.29 -8.47
N LYS B 21 3.27 17.95 -8.14
CA LYS B 21 2.93 19.26 -8.70
C LYS B 21 4.05 20.26 -8.43
N ASP B 22 4.31 21.11 -9.42
CA ASP B 22 5.38 22.13 -9.34
C ASP B 22 6.77 21.50 -9.14
N ASP B 23 7.01 20.42 -9.88
CA ASP B 23 8.34 19.82 -9.99
C ASP B 23 9.32 20.89 -10.45
N ILE B 24 10.41 21.03 -9.71
CA ILE B 24 11.45 22.03 -9.96
C ILE B 24 12.10 21.89 -11.36
N ASN B 25 12.22 20.67 -11.86
CA ASN B 25 12.88 20.42 -13.15
C ASN B 25 11.94 20.44 -14.37
N SER B 26 10.67 20.82 -14.15
CA SER B 26 9.66 20.85 -15.21
C SER B 26 9.24 22.27 -15.60
N TYR B 27 9.01 22.48 -16.89
CA TYR B 27 8.59 23.79 -17.40
C TYR B 27 7.26 23.75 -18.14
N GLU B 28 7.07 22.73 -18.97
CA GLU B 28 5.80 22.53 -19.68
C GLU B 28 4.80 21.72 -18.84
N CYS B 29 3.51 21.94 -19.08
CA CYS B 29 2.46 21.15 -18.46
C CYS B 29 1.40 20.72 -19.47
N TRP B 30 1.40 19.43 -19.84
CA TRP B 30 0.37 18.92 -20.73
C TRP B 30 -0.71 18.28 -19.93
N CYS B 31 -1.92 18.82 -20.07
CA CYS B 31 -3.08 18.41 -19.28
C CYS B 31 -3.86 17.26 -19.89
N PRO B 32 -4.51 16.42 -19.04
CA PRO B 32 -5.43 15.40 -19.56
C PRO B 32 -6.51 16.06 -20.41
N PHE B 33 -7.01 15.36 -21.43
CA PHE B 33 -7.99 15.97 -22.33
C PHE B 33 -9.15 16.61 -21.57
N GLY B 34 -9.47 17.84 -21.93
CA GLY B 34 -10.62 18.55 -21.37
C GLY B 34 -10.27 19.62 -20.35
N PHE B 35 -8.97 19.75 -20.06
CA PHE B 35 -8.51 20.65 -19.00
C PHE B 35 -7.42 21.60 -19.47
N GLU B 36 -7.38 22.77 -18.85
CA GLU B 36 -6.50 23.87 -19.27
C GLU B 36 -5.91 24.60 -18.06
N GLY B 37 -4.76 25.23 -18.27
CA GLY B 37 -4.11 26.04 -17.23
C GLY B 37 -2.75 25.50 -16.83
N LYS B 38 -2.03 26.26 -15.99
CA LYS B 38 -0.73 25.79 -15.50
C LYS B 38 -0.86 24.72 -14.42
N ASN B 39 -2.07 24.55 -13.89
CA ASN B 39 -2.40 23.45 -12.98
C ASN B 39 -3.58 22.60 -13.46
N CYS B 40 -3.86 22.67 -14.76
CA CYS B 40 -4.97 21.93 -15.39
C CYS B 40 -6.34 22.17 -14.73
N GLU B 41 -6.66 23.44 -14.49
CA GLU B 41 -7.87 23.83 -13.73
C GLU B 41 -9.21 23.74 -14.51
N LEU B 42 -9.36 24.56 -15.55
CA LEU B 42 -10.63 24.64 -16.28
C LEU B 42 -10.78 23.60 -17.39
#